data_1H9T
#
_entry.id   1H9T
#
_cell.length_a   92.992
_cell.length_b   92.992
_cell.length_c   334.826
_cell.angle_alpha   90.00
_cell.angle_beta   90.00
_cell.angle_gamma   120.00
#
_symmetry.space_group_name_H-M   'P 61 2 2'
#
loop_
_entity.id
_entity.type
_entity.pdbx_description
1 polymer 'FATTY ACID METABOLISM REGULATOR PROTEIN'
2 polymer "5'-D(*CP*AP*TP*CP*TP*GP*GP*TP*AP*CP*GP*AP* CP*CP*AP*GP*AP*TP*C)-3'"
3 polymer "5'-D(*GP*AP*TP*CP*TP*GP*GP*TP*CP*GP*TP*AP* CP*CP*AP*GP*AP*TP*G)-3'"
4 non-polymer 'GOLD ION'
5 non-polymer 'CHLORIDE ION'
6 water water
#
loop_
_entity_poly.entity_id
_entity_poly.type
_entity_poly.pdbx_seq_one_letter_code
_entity_poly.pdbx_strand_id
1 'polypeptide(L)'
;FADRMVIKAQSPAGFAEEYIIESIWNNRFPPGTILPAERELSELIGVTRTTLREVLQRLARDGWLTIQHGKPTKVNNFWE
TSGLNILETLARLDHESVPQLIDNLLSVRTNISTIFIRTAFRQHPDKAQEVLATANEVADHADAFAELDYNIFRGLAFAS
GNPIYGLILNGMKGLYTRIGRHYFANPEARSLALGFYHKLSALCSEGAHDQVYETVRRYGHESGEIWHRMQKNLPGDLAI
QGR
;
A,B
2 'polydeoxyribonucleotide' (DC)(DA)(DT)(DC)(DT)(DG)(DG)(DT)(DA)(DC)(DG)(DA)(DC)(DC)(DA)(DG)(DA)(DT)(DC) X
3 'polydeoxyribonucleotide' (DG)(DA)(DT)(DC)(DT)(DG)(DG)(DT)(DC)(DG)(DT)(DA)(DC)(DC)(DA)(DG)(DA)(DT)(DG) Y
#
loop_
_chem_comp.id
_chem_comp.type
_chem_comp.name
_chem_comp.formula
AU non-polymer 'GOLD ION' 'Au 1'
CL non-polymer 'CHLORIDE ION' 'Cl -1'
DA DNA linking 2'-DEOXYADENOSINE-5'-MONOPHOSPHATE 'C10 H14 N5 O6 P'
DC DNA linking 2'-DEOXYCYTIDINE-5'-MONOPHOSPHATE 'C9 H14 N3 O7 P'
DG DNA linking 2'-DEOXYGUANOSINE-5'-MONOPHOSPHATE 'C10 H14 N5 O7 P'
DT DNA linking THYMIDINE-5'-MONOPHOSPHATE 'C10 H15 N2 O8 P'
#
# COMPACT_ATOMS: atom_id res chain seq x y z
N ALA A 9 14.33 4.25 -24.37
CA ALA A 9 13.45 4.13 -25.59
C ALA A 9 12.50 2.95 -25.49
N GLN A 10 13.03 1.74 -25.72
CA GLN A 10 12.24 0.50 -25.68
C GLN A 10 11.34 0.26 -26.92
N SER A 11 10.13 -0.25 -26.69
CA SER A 11 9.17 -0.49 -27.76
C SER A 11 8.07 0.56 -27.66
N PRO A 12 7.33 0.77 -28.75
CA PRO A 12 6.27 1.78 -28.77
C PRO A 12 5.59 1.95 -27.41
N ALA A 13 4.95 0.89 -26.92
CA ALA A 13 4.28 0.97 -25.65
C ALA A 13 5.22 1.46 -24.58
N GLY A 14 6.36 0.85 -24.44
CA GLY A 14 7.26 1.30 -23.40
C GLY A 14 7.66 2.75 -23.59
N PHE A 15 7.87 3.13 -24.83
CA PHE A 15 8.30 4.46 -25.11
C PHE A 15 7.18 5.36 -24.72
N ALA A 16 6.02 5.11 -25.31
CA ALA A 16 4.88 5.94 -24.95
C ALA A 16 4.65 6.01 -23.45
N GLU A 17 4.89 4.92 -22.74
CA GLU A 17 4.70 4.97 -21.31
C GLU A 17 5.74 5.88 -20.76
N GLU A 18 6.98 5.43 -20.86
CA GLU A 18 8.13 6.20 -20.36
C GLU A 18 7.93 7.70 -20.73
N TYR A 19 7.34 7.91 -21.89
CA TYR A 19 7.10 9.25 -22.29
C TYR A 19 6.01 9.89 -21.40
N ILE A 20 4.76 9.59 -21.68
CA ILE A 20 3.67 10.13 -20.89
C ILE A 20 4.10 10.32 -19.44
N ILE A 21 4.83 9.36 -18.88
CA ILE A 21 5.22 9.52 -17.49
C ILE A 21 6.07 10.76 -17.34
N GLU A 22 7.21 10.75 -18.00
CA GLU A 22 8.07 11.92 -17.88
C GLU A 22 7.24 13.18 -18.02
N SER A 23 6.43 13.23 -19.07
CA SER A 23 5.63 14.41 -19.32
C SER A 23 4.85 14.87 -18.08
N ILE A 24 4.55 13.98 -17.19
CA ILE A 24 3.84 14.44 -16.04
C ILE A 24 4.88 14.97 -15.13
N TRP A 25 5.73 14.11 -14.62
CA TRP A 25 6.79 14.53 -13.71
C TRP A 25 7.44 15.86 -14.07
N ASN A 26 7.49 16.16 -15.35
CA ASN A 26 8.14 17.36 -15.83
C ASN A 26 7.19 18.54 -16.18
N ASN A 27 6.19 18.72 -15.33
CA ASN A 27 5.22 19.77 -15.55
C ASN A 27 4.77 20.04 -16.98
N ARG A 28 5.04 19.14 -17.92
CA ARG A 28 4.56 19.27 -19.30
C ARG A 28 3.07 19.10 -19.42
N PHE A 29 2.54 18.13 -18.71
CA PHE A 29 1.12 17.88 -18.65
C PHE A 29 0.96 17.93 -17.18
N PRO A 30 0.99 19.10 -16.62
CA PRO A 30 0.97 19.24 -15.17
C PRO A 30 -0.25 18.65 -14.52
N PRO A 31 -0.03 18.10 -13.34
CA PRO A 31 -1.05 17.47 -12.49
C PRO A 31 -2.24 18.32 -12.17
N GLY A 32 -3.44 17.84 -12.46
CA GLY A 32 -4.63 18.60 -12.14
C GLY A 32 -5.19 19.07 -13.44
N THR A 33 -4.59 18.67 -14.55
CA THR A 33 -5.08 19.13 -15.83
C THR A 33 -5.51 18.07 -16.84
N ILE A 34 -6.35 18.47 -17.76
CA ILE A 34 -6.77 17.58 -18.83
C ILE A 34 -5.54 17.07 -19.54
N LEU A 35 -5.72 16.09 -20.39
CA LEU A 35 -4.61 15.49 -21.11
C LEU A 35 -5.19 15.19 -22.46
N PRO A 36 -4.46 15.51 -23.49
CA PRO A 36 -4.94 15.45 -24.87
C PRO A 36 -5.86 14.33 -25.23
N ALA A 37 -6.61 14.56 -26.30
CA ALA A 37 -7.52 13.57 -26.82
C ALA A 37 -6.67 12.40 -27.27
N GLU A 38 -7.10 11.18 -26.95
CA GLU A 38 -6.33 10.00 -27.28
C GLU A 38 -5.84 10.02 -28.71
N ARG A 39 -6.60 10.64 -29.62
CA ARG A 39 -6.22 10.67 -31.02
C ARG A 39 -5.04 11.60 -31.17
N GLU A 40 -5.26 12.85 -30.77
CA GLU A 40 -4.24 13.88 -30.85
C GLU A 40 -2.95 13.37 -30.21
N LEU A 41 -3.06 12.95 -28.94
CA LEU A 41 -1.91 12.47 -28.18
C LEU A 41 -1.22 11.32 -28.88
N SER A 42 -2.01 10.46 -29.51
CA SER A 42 -1.46 9.33 -30.23
C SER A 42 -0.46 9.81 -31.26
N GLU A 43 -0.97 10.53 -32.25
CA GLU A 43 -0.11 11.05 -33.31
C GLU A 43 1.03 11.85 -32.67
N LEU A 44 0.71 12.71 -31.72
CA LEU A 44 1.76 13.49 -31.11
C LEU A 44 2.89 12.54 -30.75
N ILE A 45 2.56 11.52 -29.97
CA ILE A 45 3.57 10.61 -29.44
C ILE A 45 4.20 9.79 -30.52
N GLY A 46 3.38 9.32 -31.46
CA GLY A 46 3.91 8.55 -32.56
C GLY A 46 3.58 7.06 -32.51
N VAL A 47 2.63 6.70 -31.68
CA VAL A 47 2.21 5.32 -31.59
C VAL A 47 0.83 5.36 -32.13
N THR A 48 0.15 4.23 -32.13
CA THR A 48 -1.22 4.22 -32.59
C THR A 48 -2.11 4.31 -31.39
N ARG A 49 -3.31 4.83 -31.62
CA ARG A 49 -4.25 5.04 -30.55
C ARG A 49 -4.27 3.82 -29.65
N THR A 50 -4.59 2.67 -30.22
CA THR A 50 -4.69 1.46 -29.43
C THR A 50 -3.51 1.36 -28.52
N THR A 51 -2.36 1.20 -29.13
CA THR A 51 -1.15 1.09 -28.36
C THR A 51 -1.07 2.20 -27.34
N LEU A 52 -1.78 3.29 -27.58
CA LEU A 52 -1.73 4.35 -26.60
C LEU A 52 -2.58 3.90 -25.42
N ARG A 53 -3.79 3.44 -25.72
CA ARG A 53 -4.77 3.03 -24.71
C ARG A 53 -4.15 2.08 -23.70
N GLU A 54 -3.53 1.06 -24.26
CA GLU A 54 -2.88 0.05 -23.45
C GLU A 54 -2.14 0.85 -22.42
N VAL A 55 -1.25 1.71 -22.88
CA VAL A 55 -0.46 2.52 -21.96
C VAL A 55 -1.29 3.38 -21.04
N LEU A 56 -2.29 4.05 -21.63
CA LEU A 56 -3.13 4.88 -20.79
C LEU A 56 -3.74 4.05 -19.69
N GLN A 57 -4.26 2.87 -20.04
CA GLN A 57 -4.95 2.05 -19.05
C GLN A 57 -4.08 1.63 -17.93
N ARG A 58 -2.93 1.04 -18.23
CA ARG A 58 -2.04 0.54 -17.20
C ARG A 58 -1.55 1.65 -16.31
N LEU A 59 -1.44 2.84 -16.90
CA LEU A 59 -1.02 3.96 -16.12
C LEU A 59 -2.17 4.31 -15.20
N ALA A 60 -3.33 4.49 -15.80
CA ALA A 60 -4.50 4.85 -15.03
C ALA A 60 -4.50 4.09 -13.75
N ARG A 61 -4.14 2.82 -13.85
CA ARG A 61 -4.18 1.92 -12.72
C ARG A 61 -3.15 2.26 -11.67
N ASP A 62 -1.93 2.52 -12.11
CA ASP A 62 -0.92 2.85 -11.15
C ASP A 62 -1.44 3.94 -10.26
N GLY A 63 -1.78 5.07 -10.85
CA GLY A 63 -2.30 6.18 -10.07
C GLY A 63 -2.22 7.54 -10.75
N TRP A 64 -1.57 7.58 -11.91
CA TRP A 64 -1.41 8.80 -12.70
C TRP A 64 -2.78 9.19 -13.18
N LEU A 65 -3.17 8.79 -14.38
CA LEU A 65 -4.45 9.26 -14.91
C LEU A 65 -5.75 8.82 -14.15
N THR A 66 -6.90 9.27 -14.66
CA THR A 66 -8.19 8.93 -14.11
C THR A 66 -9.23 9.02 -15.21
N ILE A 67 -9.27 8.01 -16.05
CA ILE A 67 -10.11 7.95 -17.24
C ILE A 67 -11.56 7.78 -16.91
N GLN A 68 -12.43 8.41 -17.69
CA GLN A 68 -13.89 8.30 -17.57
C GLN A 68 -14.44 8.42 -18.99
N HIS A 69 -15.67 8.05 -19.24
CA HIS A 69 -16.11 7.97 -20.63
C HIS A 69 -16.05 9.27 -21.44
N GLY A 70 -17.10 10.06 -21.40
CA GLY A 70 -17.15 11.29 -22.19
C GLY A 70 -16.13 12.29 -21.71
N LYS A 71 -15.88 12.27 -20.42
CA LYS A 71 -14.93 13.18 -19.81
C LYS A 71 -13.55 12.99 -20.39
N PRO A 72 -12.71 14.00 -20.34
CA PRO A 72 -11.34 13.84 -20.81
C PRO A 72 -10.46 13.24 -19.71
N THR A 73 -9.43 12.52 -20.15
CA THR A 73 -8.48 11.91 -19.22
C THR A 73 -7.82 13.01 -18.42
N LYS A 74 -7.98 12.97 -17.11
CA LYS A 74 -7.33 13.98 -16.31
C LYS A 74 -6.18 13.43 -15.51
N VAL A 75 -5.09 14.17 -15.48
CA VAL A 75 -3.89 13.79 -14.73
C VAL A 75 -4.06 14.09 -13.24
N ASN A 76 -3.25 13.44 -12.42
CA ASN A 76 -3.40 13.48 -10.96
C ASN A 76 -2.11 13.59 -10.23
N ASN A 77 -2.17 14.21 -9.06
CA ASN A 77 -1.02 14.35 -8.19
C ASN A 77 -1.03 13.01 -7.53
N PHE A 78 -0.08 12.17 -7.87
CA PHE A 78 -0.19 10.81 -7.41
C PHE A 78 -0.28 10.53 -5.91
N TRP A 79 0.33 11.38 -5.10
CA TRP A 79 0.26 11.17 -3.66
C TRP A 79 -1.17 11.25 -3.19
N GLU A 80 -2.06 11.39 -4.16
CA GLU A 80 -3.45 11.44 -3.83
C GLU A 80 -4.17 10.17 -4.34
N THR A 81 -3.57 9.50 -5.31
CA THR A 81 -4.12 8.26 -5.84
C THR A 81 -3.00 7.36 -6.27
N SER A 82 -2.46 6.61 -5.32
CA SER A 82 -1.41 5.68 -5.63
C SER A 82 -0.83 5.02 -4.43
N GLY A 83 -0.68 3.70 -4.57
CA GLY A 83 -0.15 2.85 -3.51
C GLY A 83 1.36 2.67 -3.55
N LEU A 84 1.91 2.06 -2.53
CA LEU A 84 3.33 1.86 -2.46
C LEU A 84 3.88 1.36 -3.83
N ASN A 85 2.97 0.86 -4.66
CA ASN A 85 3.37 0.30 -5.94
C ASN A 85 3.99 1.36 -6.83
N ILE A 86 4.36 2.50 -6.28
CA ILE A 86 4.95 3.56 -7.10
C ILE A 86 6.35 3.85 -6.65
N LEU A 87 6.58 3.77 -5.35
CA LEU A 87 7.89 3.99 -4.80
C LEU A 87 8.98 3.78 -5.83
N GLU A 88 9.20 2.53 -6.20
CA GLU A 88 10.23 2.20 -7.17
C GLU A 88 10.20 3.26 -8.22
N THR A 89 9.14 3.24 -9.02
CA THR A 89 9.01 4.15 -10.16
C THR A 89 9.17 5.61 -9.76
N LEU A 90 9.17 5.89 -8.45
CA LEU A 90 9.35 7.26 -7.97
C LEU A 90 10.81 7.54 -7.75
N ALA A 91 11.49 6.62 -7.09
CA ALA A 91 12.91 6.74 -6.85
C ALA A 91 13.65 6.93 -8.15
N ARG A 92 13.08 6.45 -9.24
CA ARG A 92 13.72 6.58 -10.54
C ARG A 92 13.50 7.94 -11.20
N LEU A 93 12.59 8.76 -10.65
CA LEU A 93 12.34 10.07 -11.24
C LEU A 93 13.02 11.19 -10.47
N ASP A 94 12.95 11.09 -9.14
CA ASP A 94 13.55 12.08 -8.25
C ASP A 94 14.91 11.60 -7.80
N HIS A 95 15.80 11.51 -8.78
CA HIS A 95 17.19 11.06 -8.60
C HIS A 95 17.85 11.73 -7.40
N GLU A 96 17.63 13.04 -7.29
CA GLU A 96 18.24 13.84 -6.24
C GLU A 96 17.69 13.50 -4.85
N SER A 97 16.38 13.39 -4.76
CA SER A 97 15.78 13.19 -3.46
C SER A 97 15.38 11.73 -3.25
N VAL A 98 16.37 10.89 -2.98
CA VAL A 98 16.10 9.49 -2.71
C VAL A 98 16.53 9.10 -1.31
N PRO A 99 17.67 9.57 -0.86
CA PRO A 99 18.08 9.24 0.50
C PRO A 99 16.90 9.56 1.39
N GLN A 100 16.26 10.68 1.09
CA GLN A 100 15.08 11.07 1.82
C GLN A 100 14.11 9.89 1.82
N LEU A 101 13.66 9.49 0.63
CA LEU A 101 12.69 8.41 0.47
C LEU A 101 12.98 7.12 1.24
N ILE A 102 14.04 6.44 0.84
CA ILE A 102 14.43 5.21 1.49
C ILE A 102 14.48 5.41 2.98
N ASP A 103 14.94 6.57 3.40
CA ASP A 103 15.03 6.87 4.82
C ASP A 103 13.64 6.65 5.39
N ASN A 104 12.66 7.25 4.72
CA ASN A 104 11.26 7.14 5.08
C ASN A 104 10.80 5.68 5.05
N LEU A 105 10.96 5.05 3.89
CA LEU A 105 10.52 3.66 3.74
C LEU A 105 11.12 2.79 4.79
N LEU A 106 12.35 3.05 5.17
CA LEU A 106 12.94 2.25 6.24
C LEU A 106 12.21 2.52 7.55
N SER A 107 12.14 3.80 7.91
CA SER A 107 11.46 4.21 9.14
C SER A 107 9.96 3.94 9.02
N VAL A 108 9.60 2.84 8.39
CA VAL A 108 8.21 2.52 8.21
C VAL A 108 8.02 1.05 8.41
N ARG A 109 8.70 0.24 7.60
CA ARG A 109 8.65 -1.21 7.79
C ARG A 109 9.23 -1.48 9.17
N THR A 110 9.79 -0.43 9.75
CA THR A 110 10.29 -0.48 11.09
C THR A 110 9.10 -0.27 11.99
N ASN A 111 8.87 0.99 12.34
CA ASN A 111 7.74 1.33 13.19
C ASN A 111 6.63 0.30 13.04
N ILE A 112 6.18 0.10 11.80
CA ILE A 112 5.08 -0.80 11.50
C ILE A 112 5.43 -2.18 11.97
N SER A 113 6.58 -2.67 11.53
CA SER A 113 6.98 -4.01 11.88
C SER A 113 6.54 -4.36 13.29
N THR A 114 7.03 -3.54 14.22
CA THR A 114 6.81 -3.71 15.66
C THR A 114 5.40 -4.14 15.96
N ILE A 115 4.45 -3.47 15.32
CA ILE A 115 3.06 -3.81 15.51
C ILE A 115 2.79 -5.25 15.16
N PHE A 116 3.07 -5.62 13.91
CA PHE A 116 2.70 -6.96 13.43
C PHE A 116 3.62 -8.07 13.85
N ILE A 117 4.81 -7.72 14.32
CA ILE A 117 5.76 -8.74 14.80
C ILE A 117 5.28 -9.23 16.17
N ARG A 118 4.78 -8.27 16.95
CA ARG A 118 4.22 -8.54 18.26
C ARG A 118 3.02 -9.46 18.07
N THR A 119 2.06 -9.01 17.27
CA THR A 119 0.88 -9.78 16.96
C THR A 119 1.22 -11.19 16.43
N ALA A 120 2.17 -11.24 15.50
CA ALA A 120 2.62 -12.49 14.91
C ALA A 120 2.87 -13.54 15.99
N PHE A 121 3.29 -13.05 17.16
CA PHE A 121 3.55 -13.93 18.30
C PHE A 121 2.25 -14.38 18.93
N ARG A 122 1.60 -13.48 19.67
CA ARG A 122 0.36 -13.81 20.36
C ARG A 122 -0.50 -14.80 19.58
N GLN A 123 -0.69 -14.58 18.28
CA GLN A 123 -1.43 -15.54 17.45
C GLN A 123 -0.46 -16.17 16.45
N HIS A 124 -0.50 -17.49 16.38
CA HIS A 124 0.34 -18.22 15.45
C HIS A 124 1.84 -18.28 15.78
N PRO A 125 2.20 -18.21 17.06
CA PRO A 125 3.63 -18.18 17.44
C PRO A 125 4.31 -19.47 16.96
N ASP A 126 3.49 -20.47 16.68
CA ASP A 126 3.99 -21.73 16.14
C ASP A 126 4.57 -21.48 14.75
N LYS A 127 3.80 -20.83 13.91
CA LYS A 127 4.29 -20.58 12.57
C LYS A 127 5.32 -19.47 12.60
N ALA A 128 5.17 -18.55 13.52
CA ALA A 128 6.09 -17.43 13.60
C ALA A 128 7.49 -17.98 13.78
N GLN A 129 7.55 -19.27 14.00
CA GLN A 129 8.82 -19.94 14.20
C GLN A 129 9.26 -20.64 12.95
N GLU A 130 8.30 -21.06 12.15
CA GLU A 130 8.59 -21.71 10.88
C GLU A 130 9.27 -20.72 9.96
N VAL A 131 9.05 -19.43 10.21
CA VAL A 131 9.67 -18.39 9.40
C VAL A 131 11.10 -18.13 9.88
N LEU A 132 11.23 -17.56 11.07
CA LEU A 132 12.56 -17.27 11.61
C LEU A 132 13.54 -18.43 11.57
N ALA A 133 13.06 -19.60 11.13
CA ALA A 133 13.90 -20.80 11.01
C ALA A 133 14.60 -20.88 9.66
N THR A 134 14.03 -20.21 8.67
CA THR A 134 14.61 -20.19 7.34
C THR A 134 16.02 -19.62 7.44
N ALA A 135 16.21 -18.72 8.39
CA ALA A 135 17.49 -18.06 8.59
C ALA A 135 18.64 -19.04 8.84
N ASN A 136 18.38 -20.33 8.67
CA ASN A 136 19.44 -21.31 8.91
C ASN A 136 20.08 -21.81 7.63
N GLU A 137 19.26 -22.18 6.64
CA GLU A 137 19.75 -22.73 5.36
C GLU A 137 19.91 -21.70 4.23
N VAL A 138 19.92 -20.42 4.59
CA VAL A 138 20.09 -19.34 3.63
C VAL A 138 21.51 -19.31 3.08
N ALA A 139 21.72 -18.49 2.06
CA ALA A 139 23.06 -18.30 1.53
C ALA A 139 23.66 -17.11 2.27
N ASP A 140 24.96 -16.86 2.11
CA ASP A 140 25.62 -15.78 2.83
C ASP A 140 25.78 -14.47 2.06
N HIS A 141 25.76 -14.53 0.74
CA HIS A 141 25.95 -13.32 -0.07
C HIS A 141 24.75 -12.35 -0.06
N ALA A 142 25.06 -11.06 0.01
CA ALA A 142 24.04 -10.02 0.04
C ALA A 142 22.73 -10.36 -0.69
N ASP A 143 22.78 -10.49 -2.00
CA ASP A 143 21.57 -10.76 -2.78
C ASP A 143 20.69 -11.82 -2.18
N ALA A 144 21.30 -12.91 -1.75
CA ALA A 144 20.51 -13.99 -1.19
C ALA A 144 19.99 -13.63 0.18
N PHE A 145 20.66 -12.67 0.83
CA PHE A 145 20.30 -12.22 2.16
C PHE A 145 19.09 -11.32 2.07
N ALA A 146 19.20 -10.28 1.26
CA ALA A 146 18.13 -9.34 1.09
C ALA A 146 16.87 -10.14 0.84
N GLU A 147 16.91 -11.05 -0.13
CA GLU A 147 15.73 -11.84 -0.45
C GLU A 147 15.19 -12.57 0.78
N LEU A 148 16.05 -12.92 1.72
CA LEU A 148 15.56 -13.58 2.93
C LEU A 148 15.00 -12.56 3.91
N ASP A 149 15.78 -11.56 4.25
CA ASP A 149 15.29 -10.55 5.14
C ASP A 149 13.85 -10.18 4.73
N TYR A 150 13.69 -9.53 3.58
CA TYR A 150 12.36 -9.14 3.16
C TYR A 150 11.46 -10.33 3.25
N ASN A 151 12.00 -11.51 3.01
CA ASN A 151 11.14 -12.67 3.11
C ASN A 151 10.72 -13.00 4.54
N ILE A 152 11.42 -12.42 5.50
CA ILE A 152 11.05 -12.71 6.87
C ILE A 152 9.97 -11.77 7.30
N PHE A 153 10.25 -10.47 7.26
CA PHE A 153 9.18 -9.55 7.61
C PHE A 153 7.86 -10.00 6.94
N ARG A 154 7.86 -10.07 5.63
CA ARG A 154 6.65 -10.50 4.96
C ARG A 154 6.10 -11.74 5.62
N GLY A 155 6.88 -12.80 5.65
CA GLY A 155 6.43 -14.03 6.29
C GLY A 155 5.67 -13.78 7.61
N LEU A 156 6.33 -13.11 8.56
CA LEU A 156 5.70 -12.75 9.82
C LEU A 156 4.41 -12.05 9.47
N ALA A 157 4.52 -10.92 8.81
CA ALA A 157 3.32 -10.21 8.46
C ALA A 157 2.21 -11.22 8.37
N PHE A 158 2.12 -11.96 7.29
CA PHE A 158 0.99 -12.85 7.22
C PHE A 158 0.79 -13.58 8.54
N ALA A 159 1.89 -13.85 9.25
CA ALA A 159 1.81 -14.59 10.50
C ALA A 159 1.07 -13.85 11.61
N SER A 160 1.24 -12.54 11.67
CA SER A 160 0.58 -11.76 12.70
C SER A 160 -0.88 -12.08 12.59
N GLY A 161 -1.26 -12.72 11.48
CA GLY A 161 -2.62 -13.14 11.28
C GLY A 161 -3.43 -12.20 10.42
N ASN A 162 -3.03 -10.93 10.41
CA ASN A 162 -3.73 -9.94 9.62
C ASN A 162 -3.06 -9.80 8.26
N PRO A 163 -3.65 -10.38 7.21
CA PRO A 163 -3.04 -10.37 5.86
C PRO A 163 -2.76 -8.96 5.29
N ILE A 164 -3.49 -7.98 5.76
CA ILE A 164 -3.25 -6.64 5.30
C ILE A 164 -1.79 -6.24 5.45
N TYR A 165 -1.19 -6.58 6.59
CA TYR A 165 0.20 -6.23 6.82
C TYR A 165 1.03 -6.90 5.75
N GLY A 166 0.47 -7.93 5.13
CA GLY A 166 1.14 -8.60 4.03
C GLY A 166 0.98 -7.72 2.81
N LEU A 167 -0.24 -7.58 2.36
CA LEU A 167 -0.41 -6.79 1.15
C LEU A 167 0.44 -5.52 1.24
N ILE A 168 0.82 -5.08 2.43
CA ILE A 168 1.63 -3.86 2.50
C ILE A 168 3.08 -4.14 2.17
N LEU A 169 3.71 -4.99 2.96
CA LEU A 169 5.08 -5.39 2.70
C LEU A 169 5.18 -5.78 1.23
N ASN A 170 4.19 -6.54 0.81
CA ASN A 170 4.11 -6.92 -0.56
C ASN A 170 4.45 -5.70 -1.46
N GLY A 171 3.71 -4.61 -1.29
CA GLY A 171 3.94 -3.41 -2.08
C GLY A 171 5.36 -2.90 -1.92
N MET A 172 5.90 -3.07 -0.72
CA MET A 172 7.23 -2.54 -0.49
C MET A 172 8.29 -3.26 -1.32
N LYS A 173 8.34 -4.59 -1.16
CA LYS A 173 9.33 -5.43 -1.84
C LYS A 173 10.30 -4.68 -2.76
N GLY A 174 9.81 -4.33 -3.94
CA GLY A 174 10.60 -3.60 -4.92
C GLY A 174 11.73 -2.71 -4.40
N LEU A 175 11.39 -1.49 -4.04
CA LEU A 175 12.38 -0.62 -3.50
C LEU A 175 12.89 -1.17 -2.18
N TYR A 176 12.20 -2.13 -1.58
CA TYR A 176 12.71 -2.63 -0.27
C TYR A 176 13.88 -3.59 -0.38
N THR A 177 13.98 -4.33 -1.47
CA THR A 177 15.10 -5.23 -1.60
C THR A 177 16.23 -4.54 -2.34
N ARG A 178 15.93 -3.59 -3.22
CA ARG A 178 17.01 -2.91 -3.92
C ARG A 178 17.93 -2.37 -2.86
N ILE A 179 17.39 -1.89 -1.75
CA ILE A 179 18.25 -1.37 -0.70
C ILE A 179 18.99 -2.52 -0.15
N GLY A 180 18.25 -3.59 0.09
CA GLY A 180 18.81 -4.82 0.63
C GLY A 180 20.02 -5.30 -0.15
N ARG A 181 19.83 -5.69 -1.40
CA ARG A 181 20.97 -6.08 -2.19
C ARG A 181 22.11 -5.09 -1.99
N HIS A 182 21.84 -3.89 -1.48
CA HIS A 182 22.93 -2.93 -1.35
C HIS A 182 23.51 -2.86 0.06
N TYR A 183 22.70 -2.41 1.02
CA TYR A 183 23.15 -2.30 2.40
C TYR A 183 23.83 -3.59 2.87
N PHE A 184 23.09 -4.69 2.82
CA PHE A 184 23.56 -6.00 3.22
C PHE A 184 24.95 -6.39 2.70
N ALA A 185 25.35 -5.87 1.55
CA ALA A 185 26.66 -6.20 1.01
C ALA A 185 27.67 -6.28 2.15
N ASN A 186 27.58 -5.29 3.03
CA ASN A 186 28.43 -5.16 4.22
C ASN A 186 28.21 -6.28 5.26
N PRO A 187 29.00 -7.36 5.24
CA PRO A 187 28.75 -8.47 6.15
C PRO A 187 28.50 -8.00 7.58
N GLU A 188 29.05 -6.84 7.95
CA GLU A 188 28.82 -6.31 9.29
C GLU A 188 27.32 -6.15 9.55
N ALA A 189 26.55 -5.90 8.48
CA ALA A 189 25.12 -5.75 8.64
C ALA A 189 24.45 -7.12 8.61
N ARG A 190 24.98 -8.04 7.82
CA ARG A 190 24.40 -9.36 7.78
C ARG A 190 24.42 -9.94 9.16
N SER A 191 25.31 -9.42 9.99
CA SER A 191 25.43 -9.93 11.35
C SER A 191 24.26 -9.47 12.19
N LEU A 192 24.20 -8.15 12.38
CA LEU A 192 23.15 -7.51 13.18
C LEU A 192 21.77 -8.00 12.79
N ALA A 193 21.50 -8.09 11.50
CA ALA A 193 20.22 -8.58 10.98
C ALA A 193 19.97 -10.03 11.38
N LEU A 194 21.02 -10.83 11.33
CA LEU A 194 20.87 -12.23 11.69
C LEU A 194 20.63 -12.28 13.19
N GLY A 195 21.60 -11.84 13.96
CA GLY A 195 21.45 -11.86 15.40
C GLY A 195 20.05 -11.40 15.73
N PHE A 196 19.65 -10.32 15.07
CA PHE A 196 18.32 -9.78 15.23
C PHE A 196 17.31 -10.89 15.06
N TYR A 197 17.31 -11.52 13.88
CA TYR A 197 16.35 -12.59 13.61
C TYR A 197 16.26 -13.62 14.73
N HIS A 198 17.39 -14.22 15.07
CA HIS A 198 17.42 -15.28 16.08
C HIS A 198 17.14 -14.78 17.50
N LYS A 199 17.46 -13.52 17.73
CA LYS A 199 17.16 -12.88 19.00
C LYS A 199 15.66 -12.97 19.21
N LEU A 200 14.90 -12.80 18.13
CA LEU A 200 13.45 -12.85 18.19
C LEU A 200 12.86 -14.26 18.17
N SER A 201 13.44 -15.16 17.38
CA SER A 201 12.93 -16.52 17.31
C SER A 201 12.66 -16.98 18.71
N ALA A 202 13.61 -16.71 19.60
CA ALA A 202 13.53 -17.14 20.98
C ALA A 202 12.36 -16.56 21.80
N LEU A 203 11.80 -15.45 21.35
CA LEU A 203 10.67 -14.87 22.06
C LEU A 203 9.37 -15.59 21.74
N CYS A 204 9.29 -16.33 20.66
CA CYS A 204 8.03 -16.94 20.40
C CYS A 204 7.90 -18.01 21.37
N SER A 205 9.05 -18.58 21.74
CA SER A 205 9.12 -19.61 22.77
C SER A 205 9.13 -18.94 24.15
N GLU A 206 9.73 -17.75 24.20
CA GLU A 206 9.82 -16.95 25.42
C GLU A 206 8.77 -15.84 25.46
N GLY A 207 7.61 -16.12 24.85
CA GLY A 207 6.50 -15.18 24.75
C GLY A 207 6.63 -13.88 25.52
N ALA A 208 7.65 -13.10 25.21
CA ALA A 208 7.89 -11.86 25.93
C ALA A 208 7.49 -10.64 25.11
N HIS A 209 6.34 -10.72 24.45
CA HIS A 209 5.89 -9.62 23.61
C HIS A 209 6.67 -8.34 23.85
N ASP A 210 6.34 -7.64 24.94
CA ASP A 210 7.02 -6.40 25.29
C ASP A 210 8.36 -6.21 24.60
N GLN A 211 9.17 -7.27 24.67
CA GLN A 211 10.51 -7.24 24.12
C GLN A 211 10.50 -7.26 22.58
N VAL A 212 9.80 -6.27 22.04
CA VAL A 212 9.66 -6.08 20.61
C VAL A 212 10.00 -4.64 20.33
N TYR A 213 9.03 -3.77 20.53
CA TYR A 213 9.22 -2.34 20.26
C TYR A 213 10.59 -1.87 20.73
N GLU A 214 11.12 -2.55 21.75
CA GLU A 214 12.42 -2.21 22.30
C GLU A 214 13.44 -2.45 21.21
N THR A 215 13.52 -3.72 20.81
CA THR A 215 14.41 -4.18 19.77
C THR A 215 14.36 -3.30 18.51
N VAL A 216 13.39 -3.61 17.66
CA VAL A 216 13.20 -2.95 16.39
C VAL A 216 13.53 -1.46 16.40
N ARG A 217 12.94 -0.72 17.33
CA ARG A 217 13.13 0.74 17.39
C ARG A 217 14.60 1.12 17.46
N ARG A 218 15.43 0.14 17.77
CA ARG A 218 16.86 0.40 17.83
C ARG A 218 17.51 -0.30 16.64
N TYR A 219 17.05 -1.51 16.34
CA TYR A 219 17.53 -2.22 15.18
C TYR A 219 17.32 -1.31 14.00
N GLY A 220 16.38 -0.38 14.17
CA GLY A 220 16.08 0.62 13.17
C GLY A 220 17.23 1.61 13.13
N HIS A 221 17.60 2.11 14.29
CA HIS A 221 18.70 3.05 14.39
C HIS A 221 20.00 2.34 14.13
N GLU A 222 20.14 1.17 14.73
CA GLU A 222 21.35 0.38 14.58
C GLU A 222 21.66 0.17 13.10
N SER A 223 20.89 -0.71 12.47
CA SER A 223 21.08 -1.00 11.05
C SER A 223 21.18 0.31 10.28
N GLY A 224 20.38 1.28 10.67
CA GLY A 224 20.42 2.58 10.02
C GLY A 224 21.82 3.19 10.01
N GLU A 225 22.41 3.33 11.18
CA GLU A 225 23.77 3.88 11.27
C GLU A 225 24.71 3.16 10.33
N ILE A 226 24.45 1.87 10.09
CA ILE A 226 25.26 1.07 9.20
C ILE A 226 25.09 1.53 7.76
N TRP A 227 23.85 1.85 7.42
CA TRP A 227 23.54 2.29 6.07
C TRP A 227 24.09 3.70 5.88
N HIS A 228 23.74 4.61 6.77
CA HIS A 228 24.20 6.00 6.69
C HIS A 228 25.70 6.02 6.53
N ARG A 229 26.35 5.02 7.10
CA ARG A 229 27.80 4.92 7.01
C ARG A 229 28.22 4.14 5.76
N MET A 230 27.25 3.79 4.91
CA MET A 230 27.59 3.08 3.69
C MET A 230 27.29 4.00 2.54
N GLN A 231 26.72 5.15 2.86
CA GLN A 231 26.39 6.15 1.85
C GLN A 231 27.42 7.27 1.89
N LYS A 232 27.95 7.54 3.08
CA LYS A 232 28.93 8.59 3.28
C LYS A 232 30.24 8.30 2.54
N ASN A 233 30.12 8.08 1.23
CA ASN A 233 31.25 7.80 0.34
C ASN A 233 30.98 8.37 -1.06
N LEU A 234 29.70 8.45 -1.40
CA LEU A 234 29.24 8.93 -2.69
C LEU A 234 28.51 10.26 -2.57
N LEU A 238 9.90 19.79 -11.66
CA LEU A 238 9.71 18.42 -11.19
C LEU A 238 8.41 18.41 -10.45
N ALA A 239 7.40 17.74 -11.02
CA ALA A 239 6.02 17.74 -10.50
C ALA A 239 5.80 17.00 -9.21
N ILE A 240 4.53 16.98 -8.78
CA ILE A 240 4.01 16.26 -7.60
C ILE A 240 4.29 16.79 -6.15
N GLN A 241 3.36 16.58 -5.23
CA GLN A 241 3.54 17.16 -3.92
C GLN A 241 3.19 16.24 -2.76
N GLY A 242 2.04 16.50 -2.17
CA GLY A 242 1.56 15.69 -1.06
C GLY A 242 1.20 16.49 0.18
N ARG A 243 2.23 17.08 0.78
CA ARG A 243 2.15 17.98 1.95
C ARG A 243 2.44 17.33 3.30
N ALA B 9 -22.86 -7.76 -15.97
CA ALA B 9 -22.70 -7.62 -17.44
C ALA B 9 -21.75 -6.49 -17.71
N GLN B 10 -22.30 -5.32 -18.02
CA GLN B 10 -21.50 -4.13 -18.28
C GLN B 10 -20.93 -4.08 -19.68
N SER B 11 -19.78 -3.41 -19.76
CA SER B 11 -19.13 -3.19 -21.02
C SER B 11 -18.13 -4.30 -21.17
N PRO B 12 -17.79 -4.60 -22.42
CA PRO B 12 -16.83 -5.64 -22.71
C PRO B 12 -15.69 -5.66 -21.71
N ALA B 13 -14.81 -4.69 -21.77
CA ALA B 13 -13.67 -4.70 -20.87
C ALA B 13 -14.05 -4.89 -19.40
N GLY B 14 -15.05 -4.15 -18.94
CA GLY B 14 -15.47 -4.22 -17.56
C GLY B 14 -15.84 -5.65 -17.29
N PHE B 15 -16.48 -6.28 -18.28
CA PHE B 15 -16.89 -7.67 -18.13
C PHE B 15 -15.68 -8.52 -18.39
N ALA B 16 -15.06 -8.29 -19.54
CA ALA B 16 -13.94 -9.13 -19.92
C ALA B 16 -12.95 -9.28 -18.79
N GLU B 17 -12.90 -8.28 -17.92
CA GLU B 17 -11.98 -8.26 -16.79
C GLU B 17 -12.67 -8.98 -15.65
N GLU B 18 -13.82 -8.45 -15.23
CA GLU B 18 -14.67 -9.05 -14.18
C GLU B 18 -14.46 -10.57 -14.27
N TYR B 19 -14.50 -11.04 -15.51
CA TYR B 19 -14.30 -12.44 -15.80
C TYR B 19 -12.87 -12.83 -15.36
N ILE B 20 -11.86 -12.50 -16.17
CA ILE B 20 -10.49 -12.91 -15.86
C ILE B 20 -10.12 -12.91 -14.39
N ILE B 21 -10.69 -12.03 -13.61
CA ILE B 21 -10.34 -12.00 -12.23
C ILE B 21 -11.03 -13.09 -11.51
N GLU B 22 -12.36 -13.09 -11.60
CA GLU B 22 -13.18 -14.13 -10.96
C GLU B 22 -12.64 -15.53 -11.26
N SER B 23 -12.37 -15.82 -12.53
CA SER B 23 -11.81 -17.11 -12.91
C SER B 23 -10.51 -17.42 -12.16
N ILE B 24 -9.85 -16.41 -11.60
CA ILE B 24 -8.65 -16.70 -10.86
C ILE B 24 -9.07 -17.03 -9.46
N TRP B 25 -9.98 -16.22 -8.94
CA TRP B 25 -10.43 -16.42 -7.57
C TRP B 25 -11.14 -17.80 -7.34
N ASN B 26 -11.59 -18.42 -8.42
CA ASN B 26 -12.33 -19.67 -8.32
C ASN B 26 -11.71 -20.77 -9.18
N ASN B 27 -10.39 -20.85 -9.11
CA ASN B 27 -9.54 -21.85 -9.78
C ASN B 27 -9.66 -22.16 -11.26
N ARG B 28 -10.57 -21.55 -11.99
CA ARG B 28 -10.65 -21.83 -13.44
C ARG B 28 -9.37 -21.53 -14.18
N PHE B 29 -8.52 -20.69 -13.60
CA PHE B 29 -7.25 -20.32 -14.18
C PHE B 29 -6.41 -20.29 -12.97
N PRO B 30 -6.11 -21.43 -12.41
CA PRO B 30 -5.44 -21.46 -11.12
C PRO B 30 -4.12 -20.75 -11.17
N PRO B 31 -3.68 -20.29 -10.02
CA PRO B 31 -2.47 -19.50 -9.85
C PRO B 31 -1.25 -20.37 -10.01
N GLY B 32 -0.19 -19.84 -10.58
CA GLY B 32 1.01 -20.60 -10.85
C GLY B 32 0.88 -21.19 -12.24
N THR B 33 -0.34 -21.19 -12.77
CA THR B 33 -0.56 -21.79 -14.07
C THR B 33 -0.45 -20.72 -15.07
N ILE B 34 -0.46 -21.12 -16.32
CA ILE B 34 -0.42 -20.22 -17.44
C ILE B 34 -1.86 -19.96 -17.78
N LEU B 35 -2.16 -19.02 -18.64
CA LEU B 35 -3.54 -18.73 -18.97
C LEU B 35 -3.68 -18.57 -20.45
N PRO B 36 -4.82 -18.94 -20.98
CA PRO B 36 -5.03 -19.02 -22.43
C PRO B 36 -4.47 -17.92 -23.31
N ALA B 37 -3.97 -18.32 -24.48
CA ALA B 37 -3.50 -17.35 -25.48
C ALA B 37 -4.52 -16.24 -25.76
N GLU B 38 -4.02 -15.03 -25.99
CA GLU B 38 -4.92 -13.90 -26.27
C GLU B 38 -5.94 -14.25 -27.34
N ARG B 39 -5.51 -14.80 -28.46
CA ARG B 39 -6.48 -15.15 -29.49
C ARG B 39 -7.51 -16.02 -28.85
N GLU B 40 -7.08 -17.16 -28.33
CA GLU B 40 -8.00 -18.13 -27.75
C GLU B 40 -8.85 -17.54 -26.63
N LEU B 41 -8.22 -16.86 -25.67
CA LEU B 41 -8.93 -16.30 -24.53
C LEU B 41 -9.98 -15.28 -24.94
N SER B 42 -9.63 -14.47 -25.91
CA SER B 42 -10.54 -13.49 -26.49
C SER B 42 -11.81 -14.16 -26.96
N GLU B 43 -11.67 -14.95 -28.00
CA GLU B 43 -12.79 -15.69 -28.53
C GLU B 43 -13.58 -16.22 -27.35
N LEU B 44 -12.94 -17.03 -26.52
CA LEU B 44 -13.56 -17.59 -25.34
C LEU B 44 -14.49 -16.65 -24.59
N ILE B 45 -14.00 -15.49 -24.19
CA ILE B 45 -14.82 -14.55 -23.40
C ILE B 45 -15.85 -13.79 -24.20
N GLY B 46 -15.46 -13.38 -25.40
CA GLY B 46 -16.40 -12.71 -26.28
C GLY B 46 -15.98 -11.32 -26.70
N VAL B 47 -14.83 -10.86 -26.22
CA VAL B 47 -14.37 -9.52 -26.57
C VAL B 47 -13.27 -9.58 -27.60
N THR B 48 -12.87 -8.44 -28.11
CA THR B 48 -11.85 -8.47 -29.12
C THR B 48 -10.52 -8.50 -28.45
N ARG B 49 -9.55 -9.08 -29.15
CA ARG B 49 -8.20 -9.09 -28.64
C ARG B 49 -7.92 -7.69 -28.15
N THR B 50 -8.08 -6.74 -29.04
CA THR B 50 -7.87 -5.39 -28.64
C THR B 50 -8.34 -5.28 -27.21
N THR B 51 -9.66 -5.29 -27.07
CA THR B 51 -10.35 -5.10 -25.79
C THR B 51 -9.82 -5.95 -24.67
N LEU B 52 -9.42 -7.15 -25.04
CA LEU B 52 -8.90 -8.01 -24.04
C LEU B 52 -7.64 -7.32 -23.59
N ARG B 53 -6.73 -7.13 -24.53
CA ARG B 53 -5.44 -6.55 -24.21
C ARG B 53 -5.57 -5.46 -23.16
N GLU B 54 -6.51 -4.54 -23.38
CA GLU B 54 -6.59 -3.42 -22.46
C GLU B 54 -6.64 -4.01 -21.10
N VAL B 55 -7.59 -4.91 -20.91
CA VAL B 55 -7.80 -5.53 -19.61
C VAL B 55 -6.61 -6.23 -19.03
N LEU B 56 -5.99 -7.11 -19.81
CA LEU B 56 -4.85 -7.86 -19.31
C LEU B 56 -3.74 -6.92 -18.76
N GLN B 57 -3.55 -5.79 -19.42
CA GLN B 57 -2.55 -4.85 -18.99
C GLN B 57 -2.92 -4.31 -17.63
N ARG B 58 -4.04 -3.64 -17.55
CA ARG B 58 -4.41 -3.05 -16.28
C ARG B 58 -4.40 -4.08 -15.21
N LEU B 59 -4.70 -5.32 -15.60
CA LEU B 59 -4.71 -6.42 -14.63
C LEU B 59 -3.32 -6.63 -14.11
N ALA B 60 -2.41 -6.90 -15.05
CA ALA B 60 -1.00 -7.05 -14.72
C ALA B 60 -0.60 -6.08 -13.64
N ARG B 61 -0.93 -4.82 -13.85
CA ARG B 61 -0.48 -3.83 -12.91
C ARG B 61 -0.90 -4.05 -11.48
N ASP B 62 -2.20 -4.26 -11.27
CA ASP B 62 -2.73 -4.49 -9.92
C ASP B 62 -1.90 -5.65 -9.35
N GLY B 63 -1.43 -6.54 -10.23
CA GLY B 63 -0.59 -7.64 -9.78
C GLY B 63 -0.91 -9.06 -10.24
N TRP B 64 -2.14 -9.31 -10.68
CA TRP B 64 -2.54 -10.66 -11.10
C TRP B 64 -1.55 -11.29 -12.08
N LEU B 65 -1.83 -11.26 -13.38
CA LEU B 65 -0.94 -11.80 -14.40
C LEU B 65 0.53 -11.32 -14.33
N THR B 66 1.28 -11.58 -15.38
CA THR B 66 2.71 -11.22 -15.48
C THR B 66 3.08 -11.47 -16.91
N ILE B 67 2.69 -10.55 -17.77
CA ILE B 67 2.85 -10.69 -19.19
C ILE B 67 4.27 -10.48 -19.60
N GLN B 68 4.81 -11.33 -20.45
CA GLN B 68 6.16 -11.16 -21.01
C GLN B 68 5.93 -11.36 -22.48
N HIS B 69 6.92 -11.08 -23.33
CA HIS B 69 6.68 -11.16 -24.78
C HIS B 69 6.39 -12.60 -25.16
N GLY B 70 7.17 -13.21 -26.03
CA GLY B 70 6.90 -14.59 -26.41
C GLY B 70 6.25 -15.43 -25.32
N LYS B 71 6.93 -15.62 -24.19
CA LYS B 71 6.42 -16.42 -23.07
C LYS B 71 4.93 -16.20 -22.84
N PRO B 72 4.21 -17.17 -22.30
CA PRO B 72 2.74 -17.06 -22.15
C PRO B 72 2.29 -16.39 -20.86
N THR B 73 1.39 -15.44 -20.92
CA THR B 73 1.01 -14.76 -19.68
C THR B 73 0.73 -15.76 -18.58
N LYS B 74 1.38 -15.61 -17.45
CA LYS B 74 1.11 -16.58 -16.41
C LYS B 74 0.36 -15.92 -15.25
N VAL B 75 -0.51 -16.64 -14.58
CA VAL B 75 -1.23 -16.09 -13.44
C VAL B 75 -0.30 -16.05 -12.20
N ASN B 76 -0.68 -15.48 -11.08
CA ASN B 76 0.26 -15.39 -9.98
C ASN B 76 -0.39 -15.60 -8.65
N ASN B 77 0.40 -15.90 -7.62
CA ASN B 77 -0.15 -15.96 -6.26
C ASN B 77 -0.23 -14.51 -5.82
N PHE B 78 -1.34 -13.86 -6.19
CA PHE B 78 -1.49 -12.46 -5.96
C PHE B 78 -1.19 -12.11 -4.52
N TRP B 79 -1.26 -13.09 -3.65
CA TRP B 79 -0.87 -12.82 -2.27
C TRP B 79 0.61 -12.45 -2.21
N GLU B 80 1.33 -12.64 -3.31
CA GLU B 80 2.75 -12.31 -3.33
C GLU B 80 3.02 -11.09 -4.20
N THR B 81 2.16 -10.85 -5.19
CA THR B 81 2.35 -9.71 -6.06
C THR B 81 1.08 -8.87 -6.22
N SER B 82 0.65 -8.25 -5.12
CA SER B 82 -0.50 -7.33 -5.12
C SER B 82 -0.49 -6.60 -3.81
N GLY B 83 -1.00 -5.37 -3.83
CA GLY B 83 -1.01 -4.51 -2.65
C GLY B 83 -2.42 -4.17 -2.24
N LEU B 84 -2.57 -3.24 -1.30
CA LEU B 84 -3.91 -2.95 -0.79
C LEU B 84 -4.91 -2.68 -1.90
N ASN B 85 -4.40 -2.37 -3.08
CA ASN B 85 -5.23 -2.01 -4.22
C ASN B 85 -6.22 -3.08 -4.64
N ILE B 86 -6.20 -4.17 -3.91
CA ILE B 86 -7.17 -5.19 -4.21
C ILE B 86 -8.18 -5.37 -3.06
N LEU B 87 -7.79 -5.03 -1.84
CA LEU B 87 -8.72 -5.11 -0.72
C LEU B 87 -10.14 -5.01 -1.25
N GLU B 88 -10.39 -4.04 -2.12
CA GLU B 88 -11.73 -3.85 -2.68
C GLU B 88 -12.19 -5.10 -3.43
N THR B 89 -11.56 -5.38 -4.57
CA THR B 89 -11.95 -6.51 -5.40
C THR B 89 -11.57 -7.87 -4.81
N LEU B 90 -11.79 -7.97 -3.52
CA LEU B 90 -11.52 -9.17 -2.78
C LEU B 90 -12.72 -9.31 -1.89
N ALA B 91 -12.90 -8.32 -1.01
CA ALA B 91 -14.04 -8.29 -0.11
C ALA B 91 -15.27 -8.43 -0.99
N ARG B 92 -15.12 -8.18 -2.27
CA ARG B 92 -16.24 -8.30 -3.18
C ARG B 92 -16.45 -9.73 -3.61
N LEU B 93 -15.42 -10.56 -3.53
CA LEU B 93 -15.56 -11.93 -3.98
C LEU B 93 -15.81 -12.87 -2.84
N ASP B 94 -15.06 -12.68 -1.77
CA ASP B 94 -15.16 -13.51 -0.58
C ASP B 94 -16.22 -12.91 0.30
N HIS B 95 -17.39 -12.64 -0.27
CA HIS B 95 -18.46 -11.98 0.47
C HIS B 95 -19.01 -12.86 1.59
N GLU B 96 -18.23 -13.85 1.97
CA GLU B 96 -18.61 -14.71 3.06
C GLU B 96 -17.81 -14.29 4.29
N SER B 97 -16.50 -14.21 4.12
CA SER B 97 -15.64 -13.92 5.27
C SER B 97 -15.48 -12.44 5.58
N VAL B 98 -16.10 -11.59 4.76
CA VAL B 98 -16.00 -10.11 4.88
C VAL B 98 -15.67 -9.48 6.25
N PRO B 99 -16.50 -9.72 7.27
CA PRO B 99 -16.23 -9.14 8.58
C PRO B 99 -14.79 -9.37 9.01
N GLN B 100 -14.35 -10.62 9.05
CA GLN B 100 -12.97 -10.92 9.44
C GLN B 100 -12.02 -9.89 8.82
N LEU B 101 -12.17 -9.65 7.50
CA LEU B 101 -11.33 -8.70 6.75
C LEU B 101 -11.39 -7.26 7.28
N ILE B 102 -12.58 -6.69 7.18
CA ILE B 102 -12.82 -5.37 7.69
C ILE B 102 -12.20 -5.31 9.05
N ASP B 103 -12.66 -6.19 9.93
CA ASP B 103 -12.12 -6.23 11.28
C ASP B 103 -10.61 -6.03 11.20
N ASN B 104 -9.95 -6.84 10.37
CA ASN B 104 -8.51 -6.76 10.16
C ASN B 104 -8.18 -5.32 9.82
N LEU B 105 -8.78 -4.84 8.73
CA LEU B 105 -8.53 -3.49 8.23
C LEU B 105 -8.57 -2.45 9.31
N LEU B 106 -9.68 -2.36 10.02
CA LEU B 106 -9.79 -1.37 11.07
C LEU B 106 -8.69 -1.63 12.09
N SER B 107 -8.47 -2.91 12.38
CA SER B 107 -7.45 -3.29 13.34
C SER B 107 -6.08 -3.02 12.78
N VAL B 108 -6.01 -2.25 11.70
CA VAL B 108 -4.72 -1.90 11.09
C VAL B 108 -4.66 -0.39 11.08
N ARG B 109 -5.66 0.23 10.47
CA ARG B 109 -5.74 1.67 10.43
C ARG B 109 -5.53 2.17 11.87
N THR B 110 -5.81 1.28 12.80
CA THR B 110 -5.66 1.57 14.21
C THR B 110 -4.20 1.61 14.58
N ASN B 111 -3.63 0.42 14.79
CA ASN B 111 -2.22 0.29 15.19
C ASN B 111 -1.25 1.19 14.43
N ILE B 112 -1.48 1.35 13.13
CA ILE B 112 -0.62 2.19 12.31
C ILE B 112 -0.68 3.64 12.73
N SER B 113 -1.90 4.18 12.78
CA SER B 113 -2.16 5.59 13.09
C SER B 113 -1.36 6.02 14.28
N THR B 114 -1.49 5.28 15.37
CA THR B 114 -0.75 5.59 16.60
C THR B 114 0.71 5.98 16.37
N ILE B 115 1.35 5.35 15.41
CA ILE B 115 2.73 5.67 15.11
C ILE B 115 2.89 7.02 14.42
N PHE B 116 2.16 7.19 13.31
CA PHE B 116 2.31 8.38 12.50
C PHE B 116 1.65 9.61 13.08
N ILE B 117 0.49 9.45 13.70
CA ILE B 117 -0.15 10.62 14.30
C ILE B 117 0.85 11.14 15.32
N ARG B 118 1.28 10.26 16.22
CA ARG B 118 2.27 10.64 17.22
C ARG B 118 3.35 11.45 16.52
N THR B 119 3.93 10.89 15.47
CA THR B 119 4.95 11.58 14.72
C THR B 119 4.44 12.92 14.23
N ALA B 120 3.24 12.92 13.63
CA ALA B 120 2.69 14.13 13.04
C ALA B 120 2.70 15.31 14.02
N PHE B 121 2.92 15.02 15.29
CA PHE B 121 2.97 16.08 16.28
C PHE B 121 4.34 16.72 16.37
N ARG B 122 5.30 15.95 16.89
CA ARG B 122 6.68 16.40 17.07
C ARG B 122 7.22 17.21 15.87
N GLN B 123 6.74 16.91 14.67
CA GLN B 123 7.15 17.61 13.47
C GLN B 123 5.89 18.07 12.78
N HIS B 124 5.74 19.37 12.59
CA HIS B 124 4.56 19.92 11.90
C HIS B 124 3.29 20.03 12.78
N PRO B 125 3.48 20.30 14.05
CA PRO B 125 2.34 20.30 14.98
C PRO B 125 1.37 21.34 14.50
N ASP B 126 1.92 22.41 13.93
CA ASP B 126 1.12 23.51 13.41
C ASP B 126 0.12 23.03 12.35
N LYS B 127 0.50 22.01 11.58
CA LYS B 127 -0.40 21.55 10.54
C LYS B 127 -1.25 20.42 11.04
N ALA B 128 -0.73 19.68 11.99
CA ALA B 128 -1.53 18.63 12.57
C ALA B 128 -2.79 19.31 13.07
N GLN B 129 -2.73 20.64 13.18
CA GLN B 129 -3.87 21.45 13.65
C GLN B 129 -4.87 21.78 12.55
N GLU B 130 -4.40 22.42 11.49
CA GLU B 130 -5.27 22.81 10.37
C GLU B 130 -6.11 21.63 9.89
N VAL B 131 -5.74 20.44 10.34
CA VAL B 131 -6.42 19.21 9.96
C VAL B 131 -7.55 18.90 10.94
N LEU B 132 -7.18 18.67 12.18
CA LEU B 132 -8.17 18.37 13.20
C LEU B 132 -9.17 19.51 13.27
N ALA B 133 -8.82 20.64 12.67
CA ALA B 133 -9.72 21.78 12.62
C ALA B 133 -10.81 21.49 11.61
N THR B 134 -10.45 20.87 10.51
CA THR B 134 -11.42 20.55 9.49
C THR B 134 -12.64 19.92 10.15
N ALA B 135 -12.43 19.39 11.35
CA ALA B 135 -13.50 18.70 12.08
C ALA B 135 -14.62 19.60 12.66
N ASN B 136 -14.70 20.85 12.19
CA ASN B 136 -15.70 21.79 12.66
C ASN B 136 -16.73 22.11 11.60
N GLU B 137 -16.23 22.58 10.45
CA GLU B 137 -17.09 23.01 9.34
C GLU B 137 -17.64 21.87 8.44
N VAL B 138 -17.56 20.64 8.94
CA VAL B 138 -17.86 19.43 8.18
C VAL B 138 -19.25 19.08 7.61
N ALA B 139 -20.21 18.96 8.52
CA ALA B 139 -21.55 18.45 8.21
C ALA B 139 -21.81 17.28 9.18
N ASP B 140 -23.09 16.93 9.37
CA ASP B 140 -23.40 15.84 10.30
C ASP B 140 -23.50 14.47 9.64
N HIS B 141 -24.50 14.29 8.79
CA HIS B 141 -24.74 12.99 8.13
C HIS B 141 -23.51 12.10 7.87
N ALA B 142 -23.69 10.79 8.03
CA ALA B 142 -22.62 9.81 7.78
C ALA B 142 -21.76 10.12 6.54
N ASP B 143 -22.36 10.06 5.37
CA ASP B 143 -21.65 10.30 4.11
C ASP B 143 -20.52 11.31 4.22
N ALA B 144 -20.86 12.58 4.38
CA ALA B 144 -19.84 13.62 4.45
C ALA B 144 -18.93 13.37 5.65
N PHE B 145 -19.43 12.66 6.66
CA PHE B 145 -18.64 12.39 7.85
C PHE B 145 -17.53 11.40 7.53
N ALA B 146 -17.87 10.36 6.79
CA ALA B 146 -16.89 9.37 6.41
C ALA B 146 -15.71 10.06 5.76
N GLU B 147 -16.01 10.85 4.75
CA GLU B 147 -14.98 11.60 4.03
C GLU B 147 -14.03 12.29 4.99
N LEU B 148 -14.59 13.03 5.93
CA LEU B 148 -13.77 13.72 6.91
C LEU B 148 -12.88 12.75 7.68
N ASP B 149 -13.49 11.74 8.31
CA ASP B 149 -12.79 10.73 9.09
C ASP B 149 -11.56 10.20 8.35
N TYR B 150 -11.76 9.73 7.13
CA TYR B 150 -10.66 9.23 6.33
C TYR B 150 -9.66 10.35 6.17
N ASN B 151 -10.11 11.47 5.63
CA ASN B 151 -9.26 12.62 5.40
C ASN B 151 -8.44 13.13 6.58
N ILE B 152 -8.90 12.92 7.79
CA ILE B 152 -8.11 13.38 8.91
C ILE B 152 -6.87 12.53 9.05
N PHE B 153 -7.06 11.23 9.16
CA PHE B 153 -5.94 10.31 9.26
C PHE B 153 -4.95 10.61 8.11
N ARG B 154 -5.45 10.52 6.87
CA ARG B 154 -4.63 10.82 5.70
C ARG B 154 -3.94 12.14 5.89
N GLY B 155 -4.73 13.14 6.23
CA GLY B 155 -4.18 14.46 6.48
C GLY B 155 -3.04 14.32 7.46
N LEU B 156 -3.31 13.63 8.57
CA LEU B 156 -2.33 13.48 9.62
C LEU B 156 -1.07 12.79 9.13
N ALA B 157 -1.28 11.69 8.42
CA ALA B 157 -0.17 10.89 7.89
C ALA B 157 0.76 11.84 7.19
N PHE B 158 0.30 12.42 6.10
CA PHE B 158 1.18 13.33 5.41
C PHE B 158 1.78 14.27 6.46
N ALA B 159 0.96 15.11 7.06
CA ALA B 159 1.47 16.05 8.02
C ALA B 159 2.53 15.40 8.89
N SER B 160 2.50 14.07 9.02
CA SER B 160 3.49 13.34 9.84
C SER B 160 4.89 13.44 9.30
N GLY B 161 5.00 14.04 8.11
CA GLY B 161 6.28 14.28 7.46
C GLY B 161 6.66 13.15 6.53
N ASN B 162 6.29 11.92 6.90
CA ASN B 162 6.62 10.73 6.14
C ASN B 162 5.50 10.21 5.20
N PRO B 163 5.41 10.81 4.03
CA PRO B 163 4.29 10.58 3.11
C PRO B 163 4.04 9.12 2.79
N ILE B 164 5.02 8.28 3.02
CA ILE B 164 4.74 6.91 2.67
C ILE B 164 3.43 6.46 3.30
N TYR B 165 3.24 6.75 4.59
CA TYR B 165 2.02 6.34 5.30
C TYR B 165 0.82 6.84 4.50
N GLY B 166 1.00 7.97 3.81
CA GLY B 166 -0.05 8.48 2.98
C GLY B 166 -0.44 7.47 1.92
N LEU B 167 0.58 6.98 1.23
CA LEU B 167 0.34 6.01 0.20
C LEU B 167 -0.56 4.89 0.70
N ILE B 168 -0.16 4.22 1.78
CA ILE B 168 -0.94 3.15 2.40
C ILE B 168 -2.35 3.62 2.69
N LEU B 169 -2.45 4.65 3.53
CA LEU B 169 -3.74 5.18 3.92
C LEU B 169 -4.43 5.54 2.63
N ASN B 170 -3.63 5.80 1.61
CA ASN B 170 -4.17 6.19 0.34
C ASN B 170 -4.74 4.95 -0.33
N GLY B 171 -4.07 3.84 -0.12
CA GLY B 171 -4.51 2.61 -0.74
C GLY B 171 -5.70 2.00 -0.04
N MET B 172 -5.99 2.44 1.17
CA MET B 172 -7.12 1.83 1.83
C MET B 172 -8.43 2.58 1.53
N LYS B 173 -8.31 3.85 1.15
CA LYS B 173 -9.45 4.75 0.92
C LYS B 173 -10.73 4.03 0.48
N GLY B 174 -10.68 3.39 -0.70
CA GLY B 174 -11.84 2.67 -1.19
C GLY B 174 -12.61 1.97 -0.07
N LEU B 175 -12.09 0.86 0.40
CA LEU B 175 -12.77 0.11 1.44
C LEU B 175 -12.95 0.89 2.73
N TYR B 176 -11.93 1.64 3.15
CA TYR B 176 -12.07 2.35 4.42
C TYR B 176 -13.20 3.36 4.48
N THR B 177 -13.68 3.77 3.30
CA THR B 177 -14.81 4.69 3.25
C THR B 177 -16.13 3.91 3.33
N ARG B 178 -16.24 2.82 2.58
CA ARG B 178 -17.46 2.02 2.64
C ARG B 178 -17.79 1.64 4.08
N ILE B 179 -16.78 1.55 4.92
CA ILE B 179 -17.02 1.31 6.32
C ILE B 179 -17.56 2.59 6.94
N GLY B 180 -16.92 3.72 6.69
CA GLY B 180 -17.40 4.97 7.22
C GLY B 180 -18.86 5.22 6.85
N ARG B 181 -19.16 5.03 5.56
CA ARG B 181 -20.49 5.25 5.03
C ARG B 181 -21.62 4.42 5.68
N HIS B 182 -21.27 3.48 6.54
CA HIS B 182 -22.30 2.69 7.19
C HIS B 182 -22.16 2.87 8.68
N TYR B 183 -20.93 2.84 9.18
CA TYR B 183 -20.69 2.92 10.61
C TYR B 183 -21.20 4.22 11.18
N PHE B 184 -20.74 5.31 10.59
CA PHE B 184 -21.08 6.62 11.12
C PHE B 184 -22.59 6.91 11.22
N ALA B 185 -23.37 6.25 10.37
CA ALA B 185 -24.82 6.48 10.35
C ALA B 185 -25.41 6.70 11.73
N ASN B 186 -25.11 5.77 12.64
CA ASN B 186 -25.61 5.82 14.01
C ASN B 186 -24.80 6.80 14.86
N PRO B 187 -25.37 7.98 15.00
CA PRO B 187 -24.74 9.15 15.62
C PRO B 187 -23.84 8.85 16.82
N GLU B 188 -24.25 7.91 17.67
CA GLU B 188 -23.49 7.51 18.84
C GLU B 188 -22.05 7.24 18.42
N ALA B 189 -21.88 7.05 17.11
CA ALA B 189 -20.57 6.77 16.55
C ALA B 189 -19.90 8.10 16.32
N ARG B 190 -20.59 8.95 15.58
CA ARG B 190 -20.06 10.26 15.26
C ARG B 190 -19.54 10.92 16.53
N SER B 191 -20.34 10.88 17.59
CA SER B 191 -19.91 11.44 18.85
C SER B 191 -18.50 10.99 19.16
N LEU B 192 -18.36 9.74 19.57
CA LEU B 192 -17.06 9.19 19.93
C LEU B 192 -15.95 9.72 19.03
N ALA B 193 -16.24 9.70 17.73
CA ALA B 193 -15.28 10.15 16.72
C ALA B 193 -14.84 11.59 16.95
N LEU B 194 -15.81 12.45 17.20
CA LEU B 194 -15.55 13.85 17.44
C LEU B 194 -14.80 14.06 18.73
N GLY B 195 -15.34 13.55 19.83
CA GLY B 195 -14.68 13.66 21.12
C GLY B 195 -13.25 13.24 20.93
N PHE B 196 -13.06 12.32 19.97
CA PHE B 196 -11.73 11.78 19.64
C PHE B 196 -10.84 12.82 18.98
N TYR B 197 -11.19 13.20 17.76
CA TYR B 197 -10.43 14.22 17.06
C TYR B 197 -10.11 15.36 18.03
N HIS B 198 -11.17 16.01 18.51
CA HIS B 198 -11.07 17.11 19.48
C HIS B 198 -10.13 16.73 20.63
N LYS B 199 -10.27 15.52 21.18
CA LYS B 199 -9.39 15.08 22.26
C LYS B 199 -7.93 15.35 21.88
N LEU B 200 -7.58 14.97 20.66
CA LEU B 200 -6.23 15.15 20.16
C LEU B 200 -5.89 16.62 19.96
N SER B 201 -6.66 17.29 19.09
CA SER B 201 -6.43 18.68 18.78
C SER B 201 -5.68 19.40 19.90
N ALA B 202 -6.26 19.41 21.08
CA ALA B 202 -5.65 20.10 22.21
C ALA B 202 -4.22 19.62 22.50
N LEU B 203 -4.00 18.31 22.34
CA LEU B 203 -2.70 17.70 22.58
C LEU B 203 -1.60 18.30 21.69
N CYS B 204 -2.01 18.86 20.56
CA CYS B 204 -1.06 19.47 19.65
C CYS B 204 -0.51 20.71 20.30
N SER B 205 -1.34 21.30 21.15
CA SER B 205 -1.00 22.50 21.92
C SER B 205 -0.44 22.10 23.30
N GLU B 206 -0.70 20.84 23.67
CA GLU B 206 -0.22 20.31 24.94
C GLU B 206 1.01 19.41 24.76
N GLY B 207 1.46 19.26 23.51
CA GLY B 207 2.63 18.44 23.19
C GLY B 207 2.94 17.32 24.18
N ALA B 208 1.97 16.47 24.48
CA ALA B 208 2.21 15.37 25.40
C ALA B 208 2.26 14.04 24.64
N HIS B 209 3.31 13.88 23.85
CA HIS B 209 3.53 12.69 23.01
C HIS B 209 2.99 11.39 23.59
N ASP B 210 3.73 10.82 24.54
CA ASP B 210 3.37 9.56 25.18
C ASP B 210 1.86 9.33 25.35
N GLN B 211 1.09 10.40 25.37
CA GLN B 211 -0.35 10.27 25.53
C GLN B 211 -1.07 10.11 24.18
N VAL B 212 -0.75 9.04 23.46
CA VAL B 212 -1.36 8.77 22.15
C VAL B 212 -1.69 7.31 21.93
N TYR B 213 -0.69 6.44 22.13
CA TYR B 213 -0.88 5.01 21.93
C TYR B 213 -2.07 4.56 22.75
N GLU B 214 -2.25 5.24 23.87
CA GLU B 214 -3.35 4.98 24.81
C GLU B 214 -4.76 5.14 24.22
N THR B 215 -5.05 6.37 23.79
CA THR B 215 -6.34 6.72 23.19
C THR B 215 -6.69 5.90 21.94
N VAL B 216 -5.69 5.67 21.12
CA VAL B 216 -5.90 4.98 19.88
C VAL B 216 -6.34 3.55 20.12
N ARG B 217 -5.44 2.76 20.70
CA ARG B 217 -5.77 1.36 21.00
C ARG B 217 -7.16 1.31 21.64
N ARG B 218 -7.50 2.34 22.40
CA ARG B 218 -8.81 2.41 23.04
C ARG B 218 -9.87 2.61 21.98
N TYR B 219 -9.88 3.82 21.41
CA TYR B 219 -10.82 4.21 20.39
C TYR B 219 -11.01 3.11 19.39
N GLY B 220 -9.96 2.32 19.21
CA GLY B 220 -10.03 1.18 18.31
C GLY B 220 -11.08 0.23 18.80
N HIS B 221 -10.84 -0.30 19.99
CA HIS B 221 -11.78 -1.22 20.60
C HIS B 221 -13.15 -0.57 20.77
N GLU B 222 -13.19 0.68 21.24
CA GLU B 222 -14.45 1.41 21.42
C GLU B 222 -15.27 1.48 20.13
N SER B 223 -14.82 2.30 19.18
CA SER B 223 -15.51 2.43 17.91
C SER B 223 -15.91 1.05 17.49
N GLY B 224 -14.99 0.12 17.73
CA GLY B 224 -15.20 -1.27 17.37
C GLY B 224 -16.49 -1.78 17.92
N GLU B 225 -16.56 -1.84 19.26
CA GLU B 225 -17.77 -2.31 19.95
C GLU B 225 -19.02 -1.74 19.28
N ILE B 226 -18.97 -0.45 18.99
CA ILE B 226 -20.09 0.20 18.35
C ILE B 226 -20.44 -0.44 17.03
N TRP B 227 -19.40 -0.71 16.23
CA TRP B 227 -19.56 -1.29 14.90
C TRP B 227 -19.96 -2.76 15.02
N HIS B 228 -19.34 -3.47 15.94
CA HIS B 228 -19.71 -4.86 16.16
C HIS B 228 -21.18 -4.90 16.56
N ARG B 229 -21.59 -3.90 17.34
CA ARG B 229 -22.97 -3.81 17.81
C ARG B 229 -23.90 -3.22 16.76
N MET B 230 -23.51 -3.30 15.50
CA MET B 230 -24.32 -2.82 14.38
C MET B 230 -24.48 -3.95 13.39
N GLN B 231 -23.63 -4.96 13.57
CA GLN B 231 -23.59 -6.11 12.67
C GLN B 231 -24.64 -7.15 13.05
N LYS B 232 -24.44 -7.77 14.21
CA LYS B 232 -25.31 -8.81 14.76
C LYS B 232 -26.77 -8.37 14.81
N ASN B 233 -27.34 -8.11 13.63
CA ASN B 233 -28.74 -7.69 13.51
C ASN B 233 -29.34 -8.14 12.20
N LEU B 234 -28.64 -7.87 11.10
CA LEU B 234 -29.11 -8.22 9.77
C LEU B 234 -29.37 -9.73 9.56
AU AU E . 7.02 -20.92 19.81
CL CL F . -10.58 2.44 -17.66
CL CL G . 20.37 1.44 -8.74
AU AU H . 0.51 20.07 19.19
CL CL I . -21.22 -14.46 -11.23
#